data_4GHB
#
_entry.id   4GHB
#
_cell.length_a   168.615
_cell.length_b   168.615
_cell.length_c   147.749
_cell.angle_alpha   90.000
_cell.angle_beta   90.000
_cell.angle_gamma   120.000
#
_symmetry.space_group_name_H-M   'P 63 2 2'
#
loop_
_entity.id
_entity.type
_entity.pdbx_description
1 polymer 'hypothetical protein'
2 non-polymer 'CHLORIDE ION'
3 non-polymer 'SULFATE ION'
4 non-polymer GLYCEROL
5 water water
#
_entity_poly.entity_id   1
_entity_poly.type   'polypeptide(L)'
_entity_poly.pdbx_seq_one_letter_code
;GDDNNGSDTPEPEPSTYPTTPFSKIELKEVIESDAQPVTATHTYLYNSAGRLTGYTGKQSFTAGDELFEIENTTTVEYKD
HQAVITDEAGTVSTYTLNDKGYATTCTSQD(MSE)AGNTRTYTFSYLINTEDKYYLENITEKLDDGKEYSFITIDYSNFR
ALRIQQKVDTFEHNSTATTPSGNEIANISEIPSLFITD(MSE)YPLS(MSE)HAVAIYGKILGEPANYLITQLIPDSNGE
SEETTTYTYTLDNRGIVTSCHAVVRHIRNGYEQDYTRTVNYTIE
;
_entity_poly.pdbx_strand_id   A,B
#
# COMPACT_ATOMS: atom_id res chain seq x y z
C SER A 15 -34.82 -3.75 8.62
N THR A 16 -34.11 -3.16 9.57
CA THR A 16 -33.45 -1.90 9.29
C THR A 16 -31.96 -2.14 9.02
N TYR A 17 -31.44 -3.38 9.15
CA TYR A 17 -30.02 -3.64 8.86
C TYR A 17 -29.70 -5.11 8.57
N PRO A 18 -28.68 -5.41 7.71
CA PRO A 18 -28.28 -6.82 7.50
C PRO A 18 -27.60 -7.40 8.74
N THR A 19 -27.69 -8.72 8.94
CA THR A 19 -27.11 -9.41 10.09
C THR A 19 -26.37 -10.69 9.71
N THR A 20 -25.40 -11.09 10.55
CA THR A 20 -24.60 -12.31 10.43
C THR A 20 -24.95 -13.14 11.68
N PRO A 21 -25.40 -14.41 11.54
CA PRO A 21 -25.82 -15.17 12.74
C PRO A 21 -24.67 -15.82 13.54
N PHE A 22 -23.48 -15.25 13.47
CA PHE A 22 -22.29 -15.73 14.17
C PHE A 22 -21.69 -14.60 14.96
N SER A 23 -20.86 -14.93 15.94
CA SER A 23 -20.20 -13.91 16.75
C SER A 23 -18.78 -13.67 16.24
N LYS A 24 -18.25 -14.61 15.45
CA LYS A 24 -16.90 -14.55 14.92
C LYS A 24 -16.75 -15.28 13.61
N ILE A 25 -16.06 -14.64 12.65
CA ILE A 25 -15.65 -15.24 11.39
C ILE A 25 -14.15 -15.01 11.32
N GLU A 26 -13.36 -16.09 11.45
CA GLU A 26 -11.91 -15.99 11.43
C GLU A 26 -11.29 -16.83 10.30
N LEU A 27 -10.40 -16.19 9.52
CA LEU A 27 -9.64 -16.79 8.42
C LEU A 27 -8.16 -16.86 8.83
N LYS A 28 -7.53 -18.03 8.63
CA LYS A 28 -6.12 -18.31 8.90
C LYS A 28 -5.50 -18.93 7.67
N GLU A 29 -4.33 -18.44 7.31
CA GLU A 29 -3.64 -18.89 6.13
C GLU A 29 -2.13 -18.86 6.32
N VAL A 30 -1.44 -19.88 5.83
CA VAL A 30 0.02 -19.86 5.77
C VAL A 30 0.35 -19.45 4.34
N ILE A 31 1.03 -18.32 4.16
CA ILE A 31 1.39 -17.84 2.82
C ILE A 31 2.83 -18.29 2.56
N GLU A 32 3.03 -19.18 1.58
CA GLU A 32 4.36 -19.72 1.30
C GLU A 32 5.08 -18.94 0.19
N SER A 33 4.37 -17.98 -0.45
CA SER A 33 4.81 -17.11 -1.56
C SER A 33 6.08 -16.30 -1.23
N ASP A 34 6.19 -15.78 0.03
CA ASP A 34 7.33 -14.98 0.52
C ASP A 34 8.58 -15.88 0.80
N ALA A 35 9.76 -15.25 1.03
CA ALA A 35 11.05 -15.90 1.34
C ALA A 35 10.89 -16.90 2.51
N GLN A 36 10.31 -16.38 3.63
CA GLN A 36 9.95 -17.12 4.84
C GLN A 36 8.41 -17.20 4.89
N PRO A 37 7.79 -18.32 5.37
CA PRO A 37 6.32 -18.37 5.40
C PRO A 37 5.69 -17.42 6.44
N VAL A 38 4.70 -16.66 5.99
CA VAL A 38 3.93 -15.71 6.77
C VAL A 38 2.62 -16.40 7.17
N THR A 39 2.21 -16.29 8.45
CA THR A 39 0.90 -16.72 8.87
C THR A 39 0.00 -15.47 8.93
N ALA A 40 -1.12 -15.45 8.17
CA ALA A 40 -2.05 -14.32 8.20
C ALA A 40 -3.36 -14.74 8.86
N THR A 41 -3.88 -13.89 9.73
CA THR A 41 -5.16 -14.10 10.41
C THR A 41 -6.05 -12.88 10.18
N HIS A 42 -7.32 -13.10 9.80
CA HIS A 42 -8.34 -12.06 9.59
C HIS A 42 -9.50 -12.41 10.50
N THR A 43 -9.75 -11.62 11.55
CA THR A 43 -10.83 -11.91 12.51
C THR A 43 -11.91 -10.82 12.47
N TYR A 44 -13.14 -11.23 12.14
CA TYR A 44 -14.32 -10.38 12.10
C TYR A 44 -15.23 -10.74 13.24
N LEU A 45 -15.53 -9.75 14.10
CA LEU A 45 -16.37 -9.95 15.28
C LEU A 45 -17.71 -9.25 15.11
N TYR A 46 -18.77 -9.94 15.51
CA TYR A 46 -20.14 -9.45 15.40
C TYR A 46 -20.77 -9.42 16.78
N ASN A 47 -21.64 -8.42 17.02
CA ASN A 47 -22.37 -8.33 18.30
C ASN A 47 -23.57 -9.29 18.26
N SER A 48 -24.30 -9.42 19.39
CA SER A 48 -25.47 -10.29 19.53
C SER A 48 -26.62 -9.87 18.56
N ALA A 49 -26.65 -8.61 18.09
CA ALA A 49 -27.64 -8.16 17.11
C ALA A 49 -27.26 -8.67 15.69
N GLY A 50 -26.00 -9.05 15.47
CA GLY A 50 -25.50 -9.59 14.20
C GLY A 50 -24.80 -8.58 13.32
N ARG A 51 -24.46 -7.41 13.89
CA ARG A 51 -23.73 -6.36 13.18
C ARG A 51 -22.25 -6.48 13.44
N LEU A 52 -21.42 -6.29 12.40
CA LEU A 52 -19.97 -6.32 12.55
C LEU A 52 -19.52 -5.15 13.42
N THR A 53 -18.73 -5.43 14.44
CA THR A 53 -18.27 -4.40 15.37
C THR A 53 -16.78 -4.15 15.21
N GLY A 54 -16.05 -5.10 14.66
CA GLY A 54 -14.61 -4.91 14.51
C GLY A 54 -13.90 -5.97 13.71
N TYR A 55 -12.69 -5.63 13.28
CA TYR A 55 -11.80 -6.47 12.52
C TYR A 55 -10.38 -6.37 13.08
N THR A 56 -9.69 -7.51 13.18
CA THR A 56 -8.28 -7.59 13.59
C THR A 56 -7.54 -8.36 12.50
N GLY A 57 -6.54 -7.72 11.91
CA GLY A 57 -5.64 -8.31 10.92
C GLY A 57 -4.33 -8.62 11.59
N LYS A 58 -3.82 -9.87 11.42
CA LYS A 58 -2.55 -10.29 12.04
C LYS A 58 -1.64 -10.92 11.03
N GLN A 59 -0.35 -10.64 11.14
CA GLN A 59 0.69 -11.24 10.33
C GLN A 59 1.82 -11.66 11.23
N SER A 60 2.28 -12.90 11.07
CA SER A 60 3.38 -13.47 11.84
CA SER A 60 3.38 -13.48 11.84
C SER A 60 4.42 -14.02 10.89
N PHE A 61 5.68 -13.62 11.09
CA PHE A 61 6.83 -13.97 10.28
C PHE A 61 8.10 -13.52 10.98
N THR A 62 9.23 -13.93 10.44
CA THR A 62 10.51 -13.45 10.96
CA THR A 62 10.56 -13.55 10.89
C THR A 62 11.18 -12.56 9.87
N ALA A 63 11.76 -11.45 10.31
CA ALA A 63 12.44 -10.51 9.43
C ALA A 63 13.75 -10.15 10.12
N GLY A 64 14.85 -10.64 9.54
CA GLY A 64 16.20 -10.56 10.10
C GLY A 64 16.29 -11.57 11.21
N ASP A 65 16.62 -11.10 12.43
CA ASP A 65 16.66 -11.95 13.64
C ASP A 65 15.29 -11.87 14.36
N GLU A 66 14.62 -10.72 14.24
CA GLU A 66 13.34 -10.38 14.85
C GLU A 66 12.11 -11.18 14.36
N LEU A 67 11.44 -11.90 15.29
CA LEU A 67 10.16 -12.51 15.02
C LEU A 67 9.18 -11.36 15.09
N PHE A 68 8.39 -11.23 14.04
CA PHE A 68 7.43 -10.16 13.94
C PHE A 68 6.02 -10.64 14.01
N GLU A 69 5.22 -9.89 14.75
CA GLU A 69 3.80 -10.13 14.87
CA GLU A 69 3.79 -10.11 14.87
C GLU A 69 3.08 -8.77 14.69
N ILE A 70 2.58 -8.52 13.48
CA ILE A 70 1.87 -7.29 13.17
C ILE A 70 0.38 -7.53 13.45
N GLU A 71 -0.23 -6.70 14.29
CA GLU A 71 -1.64 -6.80 14.67
C GLU A 71 -2.34 -5.43 14.57
N ASN A 72 -3.37 -5.31 13.71
CA ASN A 72 -4.10 -4.04 13.56
C ASN A 72 -5.58 -4.24 13.75
N THR A 73 -6.21 -3.33 14.50
CA THR A 73 -7.64 -3.40 14.79
C THR A 73 -8.40 -2.24 14.18
N THR A 74 -9.51 -2.58 13.49
CA THR A 74 -10.46 -1.64 12.90
C THR A 74 -11.76 -1.75 13.70
N THR A 75 -12.36 -0.61 14.05
CA THR A 75 -13.61 -0.49 14.80
C THR A 75 -14.73 -0.07 13.84
N VAL A 76 -15.92 -0.57 14.10
CA VAL A 76 -17.11 -0.24 13.32
C VAL A 76 -18.13 0.34 14.30
N GLU A 77 -18.58 1.59 14.05
CA GLU A 77 -19.56 2.28 14.87
C GLU A 77 -20.80 2.58 14.02
N TYR A 78 -21.98 2.39 14.59
CA TYR A 78 -23.22 2.67 13.85
C TYR A 78 -23.94 3.87 14.41
N LYS A 79 -24.38 4.75 13.51
CA LYS A 79 -25.15 5.97 13.80
C LYS A 79 -26.37 5.93 12.90
N ASP A 80 -27.30 6.92 13.02
CA ASP A 80 -28.50 6.92 12.18
C ASP A 80 -28.07 7.00 10.72
N HIS A 81 -28.41 5.95 9.94
CA HIS A 81 -28.11 5.75 8.51
C HIS A 81 -26.61 5.90 8.21
N GLN A 82 -25.75 5.41 9.14
CA GLN A 82 -24.31 5.48 8.99
CA GLN A 82 -24.31 5.48 8.99
C GLN A 82 -23.57 4.31 9.64
N ALA A 83 -22.45 3.92 9.03
CA ALA A 83 -21.48 2.95 9.53
C ALA A 83 -20.11 3.68 9.39
N VAL A 84 -19.46 3.93 10.51
CA VAL A 84 -18.17 4.63 10.55
C VAL A 84 -17.10 3.62 10.93
N ILE A 85 -16.18 3.38 9.99
CA ILE A 85 -15.10 2.42 10.14
C ILE A 85 -13.79 3.19 10.37
N THR A 86 -13.20 2.99 11.56
CA THR A 86 -11.98 3.67 11.99
CA THR A 86 -11.98 3.67 11.99
C THR A 86 -10.85 2.65 12.22
N ASP A 87 -9.68 2.91 11.63
CA ASP A 87 -8.53 2.01 11.83
C ASP A 87 -7.55 2.67 12.82
N GLU A 88 -6.40 2.00 13.10
CA GLU A 88 -5.40 2.55 14.05
C GLU A 88 -4.56 3.66 13.43
N ALA A 89 -4.51 3.71 12.09
CA ALA A 89 -3.79 4.71 11.32
C ALA A 89 -4.59 6.04 11.24
N GLY A 90 -5.78 6.08 11.84
CA GLY A 90 -6.59 7.28 11.84
C GLY A 90 -7.46 7.51 10.61
N THR A 91 -7.61 6.52 9.76
CA THR A 91 -8.49 6.63 8.61
C THR A 91 -9.92 6.47 9.13
N VAL A 92 -10.81 7.35 8.69
CA VAL A 92 -12.22 7.35 9.00
C VAL A 92 -12.96 7.14 7.68
N SER A 93 -13.61 6.00 7.52
CA SER A 93 -14.42 5.65 6.34
C SER A 93 -15.87 5.68 6.76
N THR A 94 -16.61 6.58 6.15
CA THR A 94 -18.00 6.82 6.49
C THR A 94 -18.89 6.29 5.39
N TYR A 95 -19.66 5.23 5.72
CA TYR A 95 -20.64 4.61 4.84
C TYR A 95 -22.01 5.17 5.14
N THR A 96 -22.67 5.75 4.14
CA THR A 96 -24.04 6.27 4.24
C THR A 96 -24.93 5.08 3.97
N LEU A 97 -25.82 4.73 4.90
CA LEU A 97 -26.69 3.56 4.78
C LEU A 97 -28.08 3.93 4.35
N ASN A 98 -28.75 3.03 3.58
CA ASN A 98 -30.15 3.23 3.21
C ASN A 98 -31.02 2.72 4.39
N ASP A 99 -32.36 2.71 4.23
CA ASP A 99 -33.34 2.27 5.23
C ASP A 99 -33.18 0.78 5.61
N LYS A 100 -32.53 -0.02 4.74
CA LYS A 100 -32.33 -1.45 4.97
C LYS A 100 -30.94 -1.77 5.52
N GLY A 101 -30.13 -0.72 5.76
CA GLY A 101 -28.81 -0.84 6.38
C GLY A 101 -27.64 -1.18 5.46
N TYR A 102 -27.83 -1.02 4.15
CA TYR A 102 -26.78 -1.26 3.15
C TYR A 102 -26.21 0.08 2.68
N ALA A 103 -24.89 0.17 2.48
CA ALA A 103 -24.25 1.43 2.07
C ALA A 103 -24.63 1.84 0.66
N THR A 104 -24.92 3.13 0.47
CA THR A 104 -25.21 3.71 -0.84
C THR A 104 -24.00 4.57 -1.27
N THR A 105 -23.24 5.08 -0.30
CA THR A 105 -22.07 5.95 -0.49
C THR A 105 -21.02 5.64 0.55
N CYS A 106 -19.75 5.95 0.25
CA CYS A 106 -18.65 5.86 1.19
C CYS A 106 -17.65 6.95 0.91
N THR A 107 -17.17 7.59 1.97
CA THR A 107 -16.06 8.52 1.87
C THR A 107 -14.95 8.02 2.80
N SER A 108 -13.73 8.00 2.28
CA SER A 108 -12.52 7.64 3.01
C SER A 108 -11.37 8.55 2.52
N GLN A 109 -10.11 8.36 2.98
CA GLN A 109 -8.97 9.22 2.63
C GLN A 109 -7.89 8.41 1.93
N ASP A 110 -7.37 8.96 0.81
CA ASP A 110 -6.38 8.25 -0.01
C ASP A 110 -4.95 8.52 0.48
N ALA A 112 -2.67 10.56 -0.50
CA ALA A 112 -2.34 11.96 -0.45
C ALA A 112 -3.28 12.74 0.47
N GLY A 113 -4.11 12.03 1.23
CA GLY A 113 -5.04 12.66 2.15
C GLY A 113 -6.29 13.28 1.55
N ASN A 114 -6.55 13.01 0.29
CA ASN A 114 -7.74 13.50 -0.41
C ASN A 114 -8.90 12.59 -0.12
N THR A 115 -10.11 13.12 -0.20
CA THR A 115 -11.33 12.34 0.00
C THR A 115 -11.58 11.54 -1.25
N ARG A 116 -11.84 10.26 -1.05
CA ARG A 116 -12.16 9.29 -2.07
C ARG A 116 -13.63 8.93 -1.86
N THR A 117 -14.42 8.96 -2.92
CA THR A 117 -15.85 8.67 -2.83
C THR A 117 -16.18 7.41 -3.60
N TYR A 118 -17.00 6.56 -2.98
CA TYR A 118 -17.53 5.31 -3.56
C TYR A 118 -19.05 5.34 -3.55
N THR A 119 -19.69 4.91 -4.65
CA THR A 119 -21.15 4.75 -4.69
C THR A 119 -21.43 3.25 -4.89
N PHE A 120 -22.55 2.77 -4.35
CA PHE A 120 -22.97 1.36 -4.44
C PHE A 120 -24.41 1.25 -4.88
N SER A 121 -24.73 0.27 -5.75
CA SER A 121 -26.10 0.01 -6.18
C SER A 121 -26.33 -1.52 -6.14
N TYR A 122 -27.58 -1.92 -5.97
CA TYR A 122 -27.95 -3.29 -5.67
C TYR A 122 -29.09 -3.87 -6.44
N LEU A 123 -29.13 -5.21 -6.42
CA LEU A 123 -30.23 -6.08 -6.80
C LEU A 123 -31.00 -6.28 -5.50
N ILE A 124 -32.31 -6.03 -5.51
CA ILE A 124 -33.14 -6.23 -4.34
C ILE A 124 -33.96 -7.50 -4.62
N ASN A 125 -33.76 -8.58 -3.83
CA ASN A 125 -34.51 -9.82 -4.06
C ASN A 125 -35.93 -9.74 -3.43
N THR A 126 -36.76 -10.79 -3.60
CA THR A 126 -38.15 -10.87 -3.10
C THR A 126 -38.27 -10.74 -1.58
N GLU A 127 -37.22 -11.13 -0.85
CA GLU A 127 -37.17 -11.09 0.61
C GLU A 127 -36.58 -9.76 1.13
N ASP A 128 -36.37 -8.76 0.23
CA ASP A 128 -35.82 -7.44 0.54
C ASP A 128 -34.32 -7.51 0.99
N LYS A 129 -33.58 -8.54 0.49
CA LYS A 129 -32.14 -8.71 0.71
C LYS A 129 -31.44 -8.06 -0.48
N TYR A 130 -30.36 -7.30 -0.21
CA TYR A 130 -29.62 -6.58 -1.24
C TYR A 130 -28.32 -7.28 -1.61
N TYR A 131 -28.08 -7.39 -2.94
CA TYR A 131 -26.88 -7.99 -3.53
C TYR A 131 -26.21 -6.94 -4.39
N LEU A 132 -24.93 -6.69 -4.12
CA LEU A 132 -24.17 -5.67 -4.85
C LEU A 132 -24.10 -5.93 -6.36
N GLU A 133 -24.50 -4.92 -7.14
CA GLU A 133 -24.45 -4.95 -8.59
C GLU A 133 -23.40 -4.00 -9.12
N ASN A 134 -23.10 -2.93 -8.37
CA ASN A 134 -22.15 -1.91 -8.81
C ASN A 134 -21.47 -1.20 -7.66
N ILE A 135 -20.15 -1.08 -7.78
CA ILE A 135 -19.27 -0.25 -6.95
C ILE A 135 -18.55 0.67 -7.94
N THR A 136 -18.68 1.99 -7.79
CA THR A 136 -17.97 2.99 -8.62
C THR A 136 -17.11 3.84 -7.70
N GLU A 137 -15.83 4.04 -8.10
CA GLU A 137 -14.87 4.84 -7.36
C GLU A 137 -14.62 6.14 -8.10
N LYS A 138 -14.73 7.26 -7.37
CA LYS A 138 -14.49 8.59 -7.94
C LYS A 138 -13.40 9.29 -7.19
N LEU A 139 -12.48 9.90 -7.95
CA LEU A 139 -11.38 10.72 -7.45
C LEU A 139 -11.95 12.06 -6.98
N ASP A 140 -11.13 12.83 -6.24
CA ASP A 140 -11.44 14.13 -5.66
C ASP A 140 -11.95 15.15 -6.71
N ASP A 141 -11.44 15.08 -7.96
CA ASP A 141 -11.89 15.93 -9.08
C ASP A 141 -13.26 15.46 -9.66
N GLY A 142 -13.76 14.32 -9.19
CA GLY A 142 -15.03 13.74 -9.65
C GLY A 142 -14.87 12.73 -10.76
N LYS A 143 -13.62 12.50 -11.19
CA LYS A 143 -13.28 11.55 -12.24
C LYS A 143 -13.45 10.11 -11.74
N GLU A 144 -14.21 9.31 -12.51
CA GLU A 144 -14.46 7.89 -12.25
C GLU A 144 -13.15 7.16 -12.51
N TYR A 145 -12.57 6.54 -11.48
CA TYR A 145 -11.29 5.86 -11.64
C TYR A 145 -11.49 4.35 -11.86
N SER A 146 -12.44 3.75 -11.16
CA SER A 146 -12.68 2.31 -11.31
C SER A 146 -14.13 1.94 -10.97
N PHE A 147 -14.53 0.75 -11.40
CA PHE A 147 -15.82 0.17 -11.09
C PHE A 147 -15.74 -1.36 -11.18
N ILE A 148 -16.68 -2.02 -10.50
CA ILE A 148 -16.96 -3.43 -10.59
C ILE A 148 -18.48 -3.54 -10.74
N THR A 149 -18.95 -4.27 -11.76
CA THR A 149 -20.37 -4.54 -11.91
C THR A 149 -20.58 -6.05 -11.84
N ILE A 150 -21.70 -6.47 -11.23
CA ILE A 150 -22.04 -7.89 -11.08
C ILE A 150 -23.46 -8.06 -11.62
N ASP A 151 -23.61 -9.01 -12.56
CA ASP A 151 -24.89 -9.40 -13.18
C ASP A 151 -25.33 -10.75 -12.60
N TYR A 152 -26.56 -10.82 -12.05
CA TYR A 152 -27.07 -12.03 -11.42
C TYR A 152 -28.11 -12.77 -12.26
N SER A 153 -28.21 -12.46 -13.58
CA SER A 153 -29.20 -13.07 -14.50
C SER A 153 -29.24 -14.61 -14.34
N ASN A 154 -28.05 -15.23 -14.28
CA ASN A 154 -27.85 -16.66 -14.03
C ASN A 154 -27.05 -16.77 -12.72
N PHE A 155 -27.69 -17.21 -11.62
CA PHE A 155 -27.01 -17.33 -10.30
C PHE A 155 -25.81 -18.29 -10.31
N ARG A 156 -25.83 -19.28 -11.22
CA ARG A 156 -24.75 -20.27 -11.34
C ARG A 156 -23.61 -19.75 -12.18
N ALA A 157 -23.73 -18.54 -12.77
CA ALA A 157 -22.71 -17.95 -13.63
C ALA A 157 -22.80 -16.41 -13.56
N LEU A 158 -22.34 -15.82 -12.43
CA LEU A 158 -22.34 -14.36 -12.20
C LEU A 158 -21.36 -13.70 -13.15
N ARG A 159 -21.80 -12.72 -13.94
CA ARG A 159 -20.96 -11.98 -14.90
C ARG A 159 -20.35 -10.76 -14.20
N ILE A 160 -19.01 -10.77 -14.02
CA ILE A 160 -18.28 -9.71 -13.35
C ILE A 160 -17.48 -8.90 -14.35
N GLN A 161 -17.69 -7.56 -14.36
CA GLN A 161 -16.94 -6.62 -15.17
C GLN A 161 -16.15 -5.70 -14.24
N GLN A 162 -14.85 -5.62 -14.45
CA GLN A 162 -13.98 -4.78 -13.67
C GLN A 162 -13.27 -3.79 -14.57
N LYS A 163 -13.23 -2.52 -14.17
CA LYS A 163 -12.49 -1.51 -14.90
C LYS A 163 -11.65 -0.74 -13.89
N VAL A 164 -10.33 -0.73 -14.08
CA VAL A 164 -9.39 0.00 -13.24
C VAL A 164 -8.59 0.86 -14.19
N ASP A 165 -8.89 2.17 -14.20
CA ASP A 165 -8.28 3.13 -15.10
C ASP A 165 -8.68 2.78 -16.56
N THR A 166 -7.71 2.38 -17.40
CA THR A 166 -7.98 2.00 -18.80
C THR A 166 -8.15 0.48 -18.97
N PHE A 167 -7.68 -0.29 -17.98
CA PHE A 167 -7.74 -1.73 -18.10
CA PHE A 167 -7.70 -1.75 -17.98
C PHE A 167 -9.09 -2.30 -17.64
N GLU A 168 -9.59 -3.22 -18.49
CA GLU A 168 -10.87 -3.90 -18.33
C GLU A 168 -10.68 -5.41 -18.29
N HIS A 169 -11.32 -6.06 -17.30
CA HIS A 169 -11.31 -7.51 -17.06
CA HIS A 169 -11.29 -7.51 -17.09
C HIS A 169 -12.73 -8.03 -16.84
N ASN A 170 -13.16 -9.03 -17.64
CA ASN A 170 -14.47 -9.65 -17.47
C ASN A 170 -14.25 -11.07 -17.03
N SER A 171 -15.04 -11.54 -16.06
CA SER A 171 -14.94 -12.91 -15.58
C SER A 171 -16.31 -13.44 -15.18
N THR A 172 -16.39 -14.77 -15.00
CA THR A 172 -17.63 -15.45 -14.65
C THR A 172 -17.37 -16.24 -13.39
N ALA A 173 -18.24 -16.08 -12.39
CA ALA A 173 -18.14 -16.82 -11.13
C ALA A 173 -19.22 -17.87 -11.13
N THR A 174 -18.83 -19.15 -11.08
CA THR A 174 -19.81 -20.21 -11.23
C THR A 174 -19.97 -21.12 -9.99
N THR A 175 -21.16 -21.71 -9.89
CA THR A 175 -21.62 -22.71 -8.94
C THR A 175 -21.99 -23.96 -9.78
N PRO A 176 -21.55 -25.19 -9.44
CA PRO A 176 -21.86 -26.35 -10.29
C PRO A 176 -23.32 -26.81 -10.18
N SER A 177 -23.98 -27.04 -11.34
CA SER A 177 -25.37 -27.47 -11.39
C SER A 177 -25.52 -28.88 -10.77
N GLY A 178 -26.37 -28.97 -9.74
CA GLY A 178 -26.63 -30.18 -8.98
C GLY A 178 -25.69 -30.46 -7.81
N ASN A 179 -24.56 -29.74 -7.71
CA ASN A 179 -23.62 -29.96 -6.61
CA ASN A 179 -23.53 -29.93 -6.69
C ASN A 179 -23.34 -28.64 -5.83
N GLU A 180 -24.36 -27.75 -5.78
CA GLU A 180 -24.35 -26.46 -5.06
C GLU A 180 -24.32 -26.63 -3.52
N ILE A 181 -23.37 -25.95 -2.84
CA ILE A 181 -23.23 -25.96 -1.38
C ILE A 181 -23.89 -24.70 -0.83
N ALA A 182 -24.87 -24.86 0.06
CA ALA A 182 -25.56 -23.71 0.65
C ALA A 182 -24.58 -22.87 1.45
N ASN A 183 -24.62 -21.54 1.28
CA ASN A 183 -23.75 -20.66 2.03
C ASN A 183 -24.39 -20.31 3.42
N ILE A 184 -24.52 -21.32 4.27
CA ILE A 184 -25.00 -21.22 5.66
C ILE A 184 -23.95 -20.46 6.47
N SER A 185 -22.68 -20.53 6.00
CA SER A 185 -21.51 -19.89 6.57
C SER A 185 -21.61 -18.36 6.46
N GLU A 186 -22.43 -17.85 5.51
CA GLU A 186 -22.66 -16.41 5.27
C GLU A 186 -21.33 -15.70 4.98
N ILE A 187 -20.45 -16.36 4.27
CA ILE A 187 -19.15 -15.78 3.97
C ILE A 187 -19.06 -15.29 2.55
N PRO A 188 -18.30 -14.21 2.31
CA PRO A 188 -18.02 -13.83 0.93
C PRO A 188 -16.96 -14.73 0.32
N SER A 189 -16.91 -14.75 -1.02
CA SER A 189 -15.90 -15.48 -1.78
CA SER A 189 -15.90 -15.53 -1.75
C SER A 189 -14.52 -14.95 -1.47
N LEU A 190 -13.47 -15.76 -1.63
CA LEU A 190 -12.13 -15.26 -1.39
C LEU A 190 -11.72 -14.23 -2.43
N PHE A 191 -12.17 -14.37 -3.68
CA PHE A 191 -11.75 -13.47 -4.75
C PHE A 191 -12.34 -12.05 -4.66
N ILE A 192 -13.52 -11.86 -4.07
CA ILE A 192 -14.15 -10.54 -4.06
C ILE A 192 -13.32 -9.50 -3.24
N THR A 193 -12.65 -9.93 -2.15
CA THR A 193 -11.87 -8.98 -1.35
C THR A 193 -10.46 -8.81 -1.94
N ASP A 194 -10.18 -9.40 -3.10
CA ASP A 194 -8.91 -9.24 -3.81
C ASP A 194 -9.08 -8.42 -5.12
N TYR A 196 -9.89 -5.08 -7.01
CA TYR A 196 -9.91 -3.63 -6.83
C TYR A 196 -11.09 -3.01 -7.57
N PRO A 197 -11.92 -2.11 -6.96
CA PRO A 197 -11.79 -1.48 -5.63
C PRO A 197 -12.50 -2.19 -4.45
N LEU A 198 -13.15 -3.32 -4.67
CA LEU A 198 -13.77 -4.05 -3.55
C LEU A 198 -12.71 -4.51 -2.51
N SER A 199 -11.46 -4.68 -2.96
CA SER A 199 -10.32 -5.04 -2.09
C SER A 199 -10.03 -3.96 -1.01
N HIS A 201 -12.53 -2.52 0.66
CA HIS A 201 -13.70 -2.52 1.54
C HIS A 201 -13.97 -3.86 2.18
N ALA A 202 -12.93 -4.65 2.45
CA ALA A 202 -13.08 -5.98 3.04
C ALA A 202 -13.84 -5.96 4.37
N VAL A 203 -13.61 -4.96 5.27
CA VAL A 203 -14.31 -4.87 6.56
C VAL A 203 -15.84 -4.66 6.31
N ALA A 204 -16.21 -3.69 5.47
CA ALA A 204 -17.62 -3.46 5.14
C ALA A 204 -18.25 -4.68 4.48
N ILE A 205 -17.48 -5.38 3.61
CA ILE A 205 -17.97 -6.57 2.91
C ILE A 205 -18.33 -7.69 3.91
N TYR A 206 -17.47 -7.97 4.89
CA TYR A 206 -17.73 -9.03 5.88
C TYR A 206 -18.85 -8.64 6.86
N GLY A 207 -19.14 -7.35 6.96
CA GLY A 207 -20.22 -6.84 7.79
C GLY A 207 -21.55 -6.76 7.09
N LYS A 208 -21.59 -7.19 5.81
CA LYS A 208 -22.77 -7.20 4.91
C LYS A 208 -23.27 -5.78 4.59
N ILE A 209 -22.46 -4.76 4.90
CA ILE A 209 -22.72 -3.33 4.64
C ILE A 209 -22.78 -3.10 3.11
N LEU A 210 -22.02 -3.91 2.32
CA LEU A 210 -21.99 -3.82 0.87
C LEU A 210 -22.81 -4.94 0.19
N GLY A 211 -23.76 -5.49 0.93
CA GLY A 211 -24.66 -6.51 0.39
C GLY A 211 -24.45 -7.90 0.93
N GLU A 212 -25.42 -8.77 0.61
CA GLU A 212 -25.44 -10.18 1.02
C GLU A 212 -24.47 -10.99 0.20
N PRO A 213 -23.85 -12.06 0.79
CA PRO A 213 -23.02 -12.94 -0.04
C PRO A 213 -23.91 -13.88 -0.89
N ALA A 214 -23.32 -14.57 -1.87
CA ALA A 214 -23.97 -15.55 -2.73
C ALA A 214 -24.66 -16.60 -1.88
N ASN A 215 -25.83 -17.11 -2.31
CA ASN A 215 -26.59 -18.11 -1.55
C ASN A 215 -25.93 -19.48 -1.58
N TYR A 216 -25.07 -19.70 -2.59
CA TYR A 216 -24.31 -20.93 -2.75
C TYR A 216 -22.87 -20.58 -2.89
N LEU A 217 -21.99 -21.45 -2.40
CA LEU A 217 -20.56 -21.23 -2.51
C LEU A 217 -20.10 -21.29 -3.99
N ILE A 218 -19.26 -20.34 -4.38
CA ILE A 218 -18.73 -20.23 -5.75
C ILE A 218 -17.53 -21.16 -5.84
N THR A 219 -17.51 -22.05 -6.86
CA THR A 219 -16.42 -23.02 -6.97
C THR A 219 -15.46 -22.66 -8.09
N GLN A 220 -15.80 -21.72 -8.96
CA GLN A 220 -14.89 -21.33 -10.03
C GLN A 220 -14.99 -19.88 -10.42
N LEU A 221 -13.84 -19.28 -10.66
CA LEU A 221 -13.73 -17.93 -11.21
C LEU A 221 -13.02 -18.05 -12.56
N ILE A 222 -13.76 -17.84 -13.64
CA ILE A 222 -13.28 -18.04 -14.99
C ILE A 222 -13.13 -16.70 -15.67
N PRO A 223 -11.91 -16.28 -16.00
CA PRO A 223 -11.76 -15.05 -16.78
C PRO A 223 -12.18 -15.27 -18.24
N ASP A 224 -12.58 -14.20 -18.94
CA ASP A 224 -12.94 -14.28 -20.35
C ASP A 224 -11.65 -14.43 -21.18
N SER A 225 -11.65 -15.33 -22.19
CA SER A 225 -10.46 -15.61 -23.01
C SER A 225 -10.26 -14.57 -24.14
N GLU A 228 -6.74 -17.78 -25.70
CA GLU A 228 -5.79 -17.92 -24.60
C GLU A 228 -6.29 -18.93 -23.54
N SER A 229 -5.38 -19.85 -23.07
CA SER A 229 -5.68 -20.85 -22.02
C SER A 229 -5.79 -20.11 -20.67
N GLU A 230 -7.05 -19.90 -20.25
CA GLU A 230 -7.52 -19.14 -19.08
C GLU A 230 -6.79 -19.46 -17.75
N GLU A 231 -6.52 -18.39 -16.95
CA GLU A 231 -5.94 -18.47 -15.62
C GLU A 231 -7.11 -18.45 -14.60
N THR A 232 -7.85 -19.56 -14.66
CA THR A 232 -9.05 -19.90 -13.90
C THR A 232 -8.68 -20.26 -12.45
N THR A 233 -9.58 -19.94 -11.50
CA THR A 233 -9.44 -20.28 -10.08
C THR A 233 -10.53 -21.24 -9.69
N THR A 234 -10.16 -22.33 -9.05
CA THR A 234 -11.10 -23.35 -8.58
C THR A 234 -11.05 -23.39 -7.06
N TYR A 235 -12.22 -23.38 -6.41
CA TYR A 235 -12.38 -23.43 -4.97
C TYR A 235 -12.95 -24.73 -4.52
N THR A 236 -12.31 -25.37 -3.55
CA THR A 236 -12.79 -26.62 -2.95
C THR A 236 -12.96 -26.35 -1.47
N TYR A 237 -14.12 -26.74 -0.94
CA TYR A 237 -14.47 -26.48 0.45
C TYR A 237 -14.61 -27.73 1.28
N THR A 238 -14.32 -27.61 2.57
CA THR A 238 -14.60 -28.64 3.54
C THR A 238 -15.57 -28.04 4.51
N LEU A 239 -16.61 -28.80 4.85
CA LEU A 239 -17.65 -28.39 5.76
C LEU A 239 -17.66 -29.24 6.97
N ASP A 240 -18.25 -28.73 8.06
CA ASP A 240 -18.39 -29.51 9.27
C ASP A 240 -19.80 -30.17 9.25
N ASN A 241 -20.21 -30.77 10.37
CA ASN A 241 -21.52 -31.44 10.47
C ASN A 241 -22.69 -30.43 10.47
N ARG A 242 -22.42 -29.12 10.62
CA ARG A 242 -23.45 -28.07 10.54
C ARG A 242 -23.64 -27.59 9.10
N GLY A 243 -22.75 -28.00 8.20
CA GLY A 243 -22.72 -27.55 6.79
C GLY A 243 -22.02 -26.21 6.66
N ILE A 244 -21.19 -25.87 7.66
CA ILE A 244 -20.44 -24.62 7.73
C ILE A 244 -18.98 -24.89 7.33
N VAL A 245 -18.39 -23.99 6.52
CA VAL A 245 -17.03 -24.07 5.99
C VAL A 245 -15.98 -24.10 7.12
N THR A 246 -15.03 -25.06 6.99
CA THR A 246 -13.87 -25.20 7.89
C THR A 246 -12.59 -24.84 7.12
N SER A 247 -12.58 -25.00 5.78
CA SER A 247 -11.42 -24.67 4.95
C SER A 247 -11.81 -24.53 3.51
N CYS A 248 -10.99 -23.76 2.79
CA CYS A 248 -11.11 -23.50 1.36
C CYS A 248 -9.76 -23.66 0.70
N HIS A 249 -9.71 -24.48 -0.34
CA HIS A 249 -8.53 -24.66 -1.14
C HIS A 249 -8.75 -24.01 -2.50
N ALA A 250 -7.91 -23.06 -2.85
CA ALA A 250 -7.98 -22.30 -4.10
C ALA A 250 -6.83 -22.67 -5.03
N VAL A 251 -7.13 -23.11 -6.27
CA VAL A 251 -6.13 -23.53 -7.23
C VAL A 251 -6.23 -22.63 -8.45
N VAL A 252 -5.16 -21.93 -8.75
CA VAL A 252 -5.09 -21.08 -9.96
C VAL A 252 -4.26 -21.86 -10.96
N ARG A 253 -4.82 -22.19 -12.11
CA ARG A 253 -4.06 -22.94 -13.10
C ARG A 253 -3.20 -21.98 -13.90
N HIS A 254 -1.99 -22.44 -14.21
CA HIS A 254 -1.03 -21.63 -14.91
C HIS A 254 -0.17 -22.53 -15.79
N ILE A 255 0.11 -22.08 -17.03
CA ILE A 255 0.92 -22.83 -17.98
C ILE A 255 2.23 -22.06 -18.15
N ARG A 256 3.35 -22.74 -17.85
CA ARG A 256 4.71 -22.19 -17.92
C ARG A 256 5.56 -23.16 -18.69
N ASN A 257 6.01 -22.73 -19.87
CA ASN A 257 6.82 -23.49 -20.82
C ASN A 257 6.19 -24.85 -21.18
N GLY A 258 4.89 -24.80 -21.46
CA GLY A 258 4.11 -25.96 -21.89
C GLY A 258 3.69 -26.90 -20.79
N TYR A 259 3.88 -26.51 -19.51
CA TYR A 259 3.57 -27.34 -18.35
C TYR A 259 2.69 -26.69 -17.40
N GLU A 260 1.81 -27.47 -16.78
CA GLU A 260 0.93 -26.95 -15.73
C GLU A 260 1.74 -26.71 -14.48
N GLN A 261 1.66 -25.49 -13.94
CA GLN A 261 2.33 -25.02 -12.72
C GLN A 261 1.29 -24.27 -11.93
N ASP A 262 0.45 -24.95 -11.17
CA ASP A 262 -0.62 -24.26 -10.46
C ASP A 262 -0.23 -23.63 -9.11
N TYR A 263 -0.78 -22.40 -8.89
CA TYR A 263 -0.62 -21.66 -7.64
CA TYR A 263 -0.65 -21.63 -7.64
C TYR A 263 -1.80 -22.03 -6.73
N THR A 264 -1.51 -22.39 -5.47
CA THR A 264 -2.54 -22.79 -4.52
C THR A 264 -2.53 -21.93 -3.26
N ARG A 265 -3.71 -21.80 -2.64
CA ARG A 265 -3.98 -21.15 -1.36
C ARG A 265 -4.84 -22.06 -0.55
N THR A 266 -4.61 -22.14 0.75
CA THR A 266 -5.43 -22.89 1.68
C THR A 266 -5.78 -21.96 2.83
N VAL A 267 -7.07 -21.71 3.01
CA VAL A 267 -7.58 -20.84 4.07
C VAL A 267 -8.43 -21.67 5.02
N ASN A 268 -8.10 -21.63 6.31
CA ASN A 268 -8.90 -22.29 7.35
C ASN A 268 -9.83 -21.30 7.96
N TYR A 269 -11.07 -21.74 8.19
CA TYR A 269 -12.14 -20.92 8.72
C TYR A 269 -12.58 -21.40 10.09
N THR A 270 -12.86 -20.44 10.96
CA THR A 270 -13.47 -20.64 12.28
C THR A 270 -14.67 -19.71 12.28
N ILE A 271 -15.85 -20.26 12.06
CA ILE A 271 -17.12 -19.53 11.99
C ILE A 271 -17.97 -20.01 13.15
N GLU A 272 -18.18 -19.17 14.18
CA GLU A 272 -18.93 -19.62 15.35
C GLU A 272 -19.82 -18.53 15.96
N GLU B 13 -3.03 31.89 9.84
CA GLU B 13 -2.24 32.31 8.68
C GLU B 13 -1.88 31.10 7.77
N PRO B 14 -1.94 31.24 6.40
CA PRO B 14 -1.58 30.09 5.53
C PRO B 14 -0.06 29.85 5.53
N SER B 15 0.36 28.56 5.56
CA SER B 15 1.78 28.25 5.60
C SER B 15 2.51 28.66 4.29
N THR B 16 3.75 29.13 4.46
CA THR B 16 4.59 29.55 3.33
C THR B 16 5.70 28.50 3.10
N TYR B 17 5.78 27.45 3.93
CA TYR B 17 6.77 26.39 3.71
C TYR B 17 6.37 25.08 4.39
N PRO B 18 6.78 23.92 3.81
CA PRO B 18 6.50 22.64 4.49
C PRO B 18 7.37 22.51 5.75
N THR B 19 6.86 21.75 6.72
CA THR B 19 7.52 21.58 8.01
C THR B 19 7.53 20.13 8.45
N THR B 20 8.52 19.80 9.28
CA THR B 20 8.73 18.51 9.89
C THR B 20 8.60 18.77 11.40
N PRO B 21 7.69 18.07 12.14
CA PRO B 21 7.52 18.37 13.58
C PRO B 21 8.59 17.73 14.51
N PHE B 22 9.79 17.49 13.99
CA PHE B 22 10.90 16.91 14.71
C PHE B 22 12.09 17.79 14.57
N SER B 23 13.08 17.65 15.47
CA SER B 23 14.29 18.42 15.39
C SER B 23 15.40 17.60 14.71
N LYS B 24 15.23 16.29 14.67
CA LYS B 24 16.20 15.37 14.11
C LYS B 24 15.55 14.13 13.56
N ILE B 25 16.01 13.71 12.36
CA ILE B 25 15.66 12.46 11.73
C ILE B 25 17.01 11.82 11.41
N GLU B 26 17.34 10.72 12.11
CA GLU B 26 18.62 10.05 11.95
C GLU B 26 18.44 8.57 11.57
N LEU B 27 19.14 8.15 10.50
CA LEU B 27 19.15 6.78 10.01
C LEU B 27 20.54 6.18 10.24
N LYS B 28 20.60 4.95 10.74
CA LYS B 28 21.82 4.18 11.02
C LYS B 28 21.68 2.83 10.41
N GLU B 29 22.70 2.42 9.68
CA GLU B 29 22.75 1.15 8.98
C GLU B 29 24.16 0.55 8.98
N VAL B 30 24.26 -0.76 9.17
CA VAL B 30 25.53 -1.44 9.05
C VAL B 30 25.63 -1.93 7.60
N ILE B 31 26.67 -1.53 6.88
CA ILE B 31 26.94 -2.02 5.53
C ILE B 31 27.92 -3.21 5.71
N GLU B 32 27.35 -4.45 5.69
CA GLU B 32 28.01 -5.74 5.94
C GLU B 32 29.34 -5.96 5.20
N SER B 33 30.23 -6.75 5.84
CA SER B 33 31.56 -7.14 5.38
C SER B 33 32.16 -8.15 6.34
N ASP B 34 32.84 -9.16 5.81
CA ASP B 34 33.45 -10.22 6.64
C ASP B 34 34.91 -9.82 7.03
N ALA B 35 35.28 -8.52 6.72
CA ALA B 35 36.59 -7.91 6.93
C ALA B 35 36.52 -6.47 7.47
N GLN B 36 35.76 -5.55 6.78
CA GLN B 36 35.70 -4.18 7.27
C GLN B 36 34.26 -3.62 7.22
N PRO B 37 33.38 -4.09 8.14
CA PRO B 37 32.01 -3.52 8.19
C PRO B 37 32.00 -2.03 8.52
N VAL B 38 31.10 -1.32 7.88
CA VAL B 38 30.99 0.11 8.01
C VAL B 38 29.61 0.47 8.57
N THR B 39 29.57 1.33 9.61
CA THR B 39 28.31 1.85 10.13
C THR B 39 28.09 3.22 9.46
N ALA B 40 26.99 3.37 8.72
CA ALA B 40 26.63 4.65 8.06
C ALA B 40 25.52 5.33 8.82
N THR B 41 25.68 6.62 9.06
CA THR B 41 24.71 7.45 9.76
C THR B 41 24.34 8.61 8.84
N HIS B 42 23.04 8.89 8.71
CA HIS B 42 22.46 9.98 7.91
C HIS B 42 21.64 10.78 8.86
N THR B 43 22.08 12.01 9.19
CA THR B 43 21.40 12.87 10.16
C THR B 43 20.86 14.12 9.49
N TYR B 44 19.54 14.31 9.58
CA TYR B 44 18.80 15.45 9.08
C TYR B 44 18.35 16.27 10.27
N LEU B 45 18.76 17.54 10.32
CA LEU B 45 18.43 18.45 11.41
C LEU B 45 17.48 19.53 10.95
N TYR B 46 16.48 19.80 11.78
CA TYR B 46 15.44 20.77 11.51
C TYR B 46 15.44 21.81 12.58
N ASN B 47 15.14 23.08 12.21
CA ASN B 47 15.07 24.15 13.20
C ASN B 47 13.72 24.06 13.91
N SER B 48 13.50 24.88 14.94
CA SER B 48 12.24 24.90 15.72
C SER B 48 11.01 25.29 14.84
N ALA B 49 11.22 26.00 13.72
CA ALA B 49 10.15 26.33 12.77
C ALA B 49 9.76 25.07 11.92
N GLY B 50 10.64 24.05 11.86
CA GLY B 50 10.38 22.79 11.15
C GLY B 50 11.00 22.67 9.76
N ARG B 51 11.88 23.60 9.38
CA ARG B 51 12.59 23.54 8.11
C ARG B 51 13.90 22.79 8.28
N LEU B 52 14.32 22.04 7.28
CA LEU B 52 15.60 21.35 7.30
C LEU B 52 16.76 22.36 7.17
N THR B 53 17.74 22.30 8.07
CA THR B 53 18.86 23.24 8.07
C THR B 53 20.15 22.58 7.63
N GLY B 54 20.23 21.27 7.76
CA GLY B 54 21.44 20.57 7.37
C GLY B 54 21.37 19.08 7.45
N TYR B 55 22.34 18.47 6.77
CA TYR B 55 22.52 17.04 6.72
C TYR B 55 23.99 16.71 6.98
N THR B 56 24.23 15.65 7.75
CA THR B 56 25.55 15.11 8.05
C THR B 56 25.52 13.63 7.78
N GLY B 57 26.47 13.19 6.97
CA GLY B 57 26.71 11.80 6.66
C GLY B 57 27.93 11.37 7.46
N LYS B 58 27.91 10.17 7.99
CA LYS B 58 29.01 9.68 8.80
C LYS B 58 29.25 8.23 8.48
N GLN B 59 30.52 7.83 8.38
CA GLN B 59 30.94 6.47 8.15
C GLN B 59 31.96 6.10 9.18
N SER B 60 31.72 5.01 9.88
CA SER B 60 32.51 4.56 11.00
C SER B 60 32.94 3.11 10.73
N PHE B 61 34.21 2.81 10.96
CA PHE B 61 34.82 1.50 10.70
C PHE B 61 36.09 1.41 11.48
N THR B 62 36.63 0.20 11.58
CA THR B 62 37.89 -0.14 12.24
C THR B 62 38.97 -0.38 11.20
N ALA B 63 40.12 0.19 11.43
CA ALA B 63 41.31 -0.02 10.64
C ALA B 63 42.44 -0.25 11.65
N GLY B 64 43.08 -1.42 11.57
CA GLY B 64 44.08 -1.87 12.53
C GLY B 64 43.30 -2.28 13.76
N ASP B 65 43.44 -1.52 14.85
CA ASP B 65 42.63 -1.72 16.06
C ASP B 65 42.08 -0.36 16.49
N GLU B 66 41.87 0.54 15.54
CA GLU B 66 41.40 1.85 15.84
C GLU B 66 40.11 2.16 15.11
N LEU B 67 39.18 2.81 15.81
CA LEU B 67 37.91 3.25 15.24
C LEU B 67 38.09 4.59 14.51
N PHE B 68 37.63 4.67 13.25
CA PHE B 68 37.70 5.88 12.43
C PHE B 68 36.33 6.33 12.04
N GLU B 69 36.10 7.63 12.00
CA GLU B 69 34.81 8.25 11.61
C GLU B 69 35.05 9.33 10.54
N ILE B 70 34.46 9.11 9.37
CA ILE B 70 34.52 9.97 8.20
C ILE B 70 33.19 10.72 8.12
N GLU B 71 33.23 12.04 8.04
CA GLU B 71 32.04 12.89 7.99
C GLU B 71 31.97 13.77 6.74
N ASN B 72 30.75 14.06 6.27
CA ASN B 72 30.46 14.99 5.18
C ASN B 72 29.16 15.72 5.56
N THR B 73 29.15 17.04 5.38
CA THR B 73 28.04 17.93 5.76
C THR B 73 27.50 18.67 4.53
N THR B 74 26.16 18.74 4.45
CA THR B 74 25.40 19.50 3.45
C THR B 74 24.66 20.60 4.21
N THR B 75 24.78 21.84 3.71
CA THR B 75 24.12 23.00 4.32
C THR B 75 22.88 23.35 3.54
N VAL B 76 21.82 23.83 4.24
CA VAL B 76 20.57 24.28 3.61
C VAL B 76 20.35 25.70 4.04
N GLU B 77 20.29 26.64 3.07
CA GLU B 77 20.05 28.06 3.34
C GLU B 77 18.75 28.48 2.65
N TYR B 78 17.96 29.32 3.31
CA TYR B 78 16.70 29.78 2.72
C TYR B 78 16.70 31.24 2.46
N LYS B 79 16.10 31.64 1.33
CA LYS B 79 15.87 33.04 0.92
C LYS B 79 14.42 33.09 0.47
N ASP B 80 13.89 34.26 0.13
CA ASP B 80 12.51 34.38 -0.37
C ASP B 80 12.38 33.51 -1.64
N HIS B 81 11.46 32.53 -1.60
CA HIS B 81 11.15 31.55 -2.63
C HIS B 81 12.39 30.78 -3.10
N GLN B 82 13.32 30.50 -2.17
CA GLN B 82 14.53 29.80 -2.56
C GLN B 82 15.13 28.94 -1.42
N ALA B 83 15.69 27.79 -1.80
CA ALA B 83 16.47 26.90 -0.92
C ALA B 83 17.78 26.63 -1.66
N VAL B 84 18.91 26.93 -1.00
CA VAL B 84 20.25 26.68 -1.56
C VAL B 84 20.90 25.56 -0.74
N ILE B 85 21.17 24.45 -1.40
CA ILE B 85 21.73 23.24 -0.79
C ILE B 85 23.15 23.01 -1.33
N THR B 86 24.14 23.10 -0.44
CA THR B 86 25.55 22.99 -0.81
C THR B 86 26.18 21.79 -0.10
N ASP B 87 26.80 20.86 -0.88
CA ASP B 87 27.44 19.68 -0.28
C ASP B 87 28.94 19.93 -0.01
N GLU B 88 29.59 18.93 0.60
CA GLU B 88 31.00 18.89 1.00
C GLU B 88 31.94 19.09 -0.22
N ALA B 89 31.52 18.59 -1.41
CA ALA B 89 32.24 18.68 -2.67
C ALA B 89 32.09 20.05 -3.37
N GLY B 90 31.25 20.93 -2.83
CA GLY B 90 31.06 22.27 -3.40
C GLY B 90 29.98 22.37 -4.45
N THR B 91 29.21 21.32 -4.68
CA THR B 91 28.08 21.36 -5.62
C THR B 91 26.94 22.16 -4.96
N VAL B 92 26.39 23.13 -5.68
CA VAL B 92 25.33 24.02 -5.22
C VAL B 92 24.07 23.68 -5.99
N SER B 93 23.02 23.25 -5.26
CA SER B 93 21.70 22.99 -5.88
C SER B 93 20.77 24.14 -5.44
N THR B 94 20.32 24.95 -6.37
CA THR B 94 19.44 26.11 -6.07
C THR B 94 18.02 25.74 -6.46
N TYR B 95 17.16 25.58 -5.45
CA TYR B 95 15.73 25.29 -5.63
C TYR B 95 14.90 26.56 -5.62
N THR B 96 14.08 26.75 -6.67
CA THR B 96 13.12 27.85 -6.77
C THR B 96 11.83 27.29 -6.18
N LEU B 97 11.31 27.93 -5.15
CA LEU B 97 10.11 27.48 -4.45
C LEU B 97 8.89 28.25 -4.85
N ASN B 98 7.73 27.60 -4.74
CA ASN B 98 6.45 28.28 -4.96
C ASN B 98 6.03 28.98 -3.64
N ASP B 99 4.85 29.59 -3.57
CA ASP B 99 4.34 30.29 -2.38
C ASP B 99 4.18 29.37 -1.16
N LYS B 100 4.05 28.06 -1.39
CA LYS B 100 3.88 27.09 -0.32
C LYS B 100 5.21 26.45 0.11
N GLY B 101 6.33 26.87 -0.51
CA GLY B 101 7.67 26.41 -0.12
C GLY B 101 8.16 25.11 -0.72
N TYR B 102 7.51 24.64 -1.80
CA TYR B 102 7.89 23.44 -2.55
C TYR B 102 8.59 23.82 -3.82
N ALA B 103 9.67 23.09 -4.19
CA ALA B 103 10.44 23.46 -5.38
C ALA B 103 9.66 23.22 -6.67
N THR B 104 9.73 24.19 -7.60
CA THR B 104 9.13 24.05 -8.93
C THR B 104 10.25 23.80 -9.94
N THR B 105 11.45 24.31 -9.62
CA THR B 105 12.64 24.09 -10.45
C THR B 105 13.87 24.03 -9.59
N CYS B 106 14.93 23.46 -10.13
CA CYS B 106 16.21 23.37 -9.47
C CYS B 106 17.29 23.51 -10.53
N THR B 107 18.37 24.21 -10.20
CA THR B 107 19.57 24.24 -11.03
C THR B 107 20.72 23.77 -10.15
N SER B 108 21.46 22.76 -10.60
CA SER B 108 22.59 22.25 -9.83
CA SER B 108 22.60 22.26 -9.83
C SER B 108 23.87 22.60 -10.57
N GLN B 109 24.88 23.10 -9.84
CA GLN B 109 26.15 23.46 -10.46
C GLN B 109 27.30 22.85 -9.70
N ASP B 110 28.18 22.10 -10.39
CA ASP B 110 29.31 21.50 -9.69
C ASP B 110 30.55 22.40 -9.77
N ALA B 112 33.25 22.00 -11.39
CA ALA B 112 33.77 22.04 -12.77
C ALA B 112 32.90 22.93 -13.65
N GLY B 113 31.79 23.43 -13.10
CA GLY B 113 30.89 24.32 -13.82
C GLY B 113 29.84 23.60 -14.64
N ASN B 114 29.65 22.29 -14.41
CA ASN B 114 28.61 21.54 -15.09
C ASN B 114 27.29 21.82 -14.42
N THR B 115 26.24 21.97 -15.22
CA THR B 115 24.92 22.25 -14.67
C THR B 115 23.92 21.20 -15.09
N ARG B 116 22.93 20.99 -14.23
CA ARG B 116 21.77 20.11 -14.43
C ARG B 116 20.54 20.89 -14.04
N THR B 117 19.45 20.77 -14.79
CA THR B 117 18.21 21.50 -14.49
C THR B 117 17.09 20.51 -14.31
N TYR B 118 16.20 20.81 -13.37
CA TYR B 118 15.07 19.96 -13.03
C TYR B 118 13.80 20.78 -12.93
N THR B 119 12.67 20.18 -13.28
CA THR B 119 11.34 20.73 -13.03
C THR B 119 10.61 19.71 -12.13
N PHE B 120 9.70 20.21 -11.30
CA PHE B 120 8.90 19.41 -10.39
C PHE B 120 7.45 19.82 -10.51
N SER B 121 6.53 18.84 -10.50
CA SER B 121 5.09 19.12 -10.51
C SER B 121 4.44 18.21 -9.47
N TYR B 122 3.30 18.64 -8.97
CA TYR B 122 2.64 18.08 -7.81
C TYR B 122 1.17 17.89 -7.90
N LEU B 123 0.68 17.00 -7.03
CA LEU B 123 -0.71 16.82 -6.65
C LEU B 123 -0.90 17.78 -5.45
N ILE B 124 -1.93 18.62 -5.49
CA ILE B 124 -2.21 19.52 -4.37
C ILE B 124 -3.45 18.97 -3.67
N ASN B 125 -3.34 18.57 -2.40
CA ASN B 125 -4.49 18.01 -1.70
C ASN B 125 -5.44 19.11 -1.14
N THR B 126 -6.56 18.72 -0.45
CA THR B 126 -7.56 19.67 0.08
C THR B 126 -6.99 20.63 1.13
N GLU B 127 -5.92 20.24 1.83
CA GLU B 127 -5.25 21.06 2.83
C GLU B 127 -4.08 21.88 2.22
N ASP B 128 -3.93 21.84 0.88
CA ASP B 128 -2.85 22.55 0.16
C ASP B 128 -1.44 21.99 0.45
N LYS B 129 -1.39 20.70 0.80
CA LYS B 129 -0.14 19.96 0.94
C LYS B 129 0.17 19.42 -0.44
N TYR B 130 1.44 19.46 -0.85
CA TYR B 130 1.91 19.07 -2.18
C TYR B 130 2.61 17.73 -2.14
N TYR B 131 2.24 16.86 -3.09
CA TYR B 131 2.80 15.52 -3.24
C TYR B 131 3.41 15.43 -4.62
N LEU B 132 4.69 15.09 -4.70
CA LEU B 132 5.42 14.99 -5.98
C LEU B 132 4.78 14.00 -6.95
N GLU B 133 4.51 14.46 -8.15
CA GLU B 133 3.97 13.65 -9.24
C GLU B 133 4.98 13.51 -10.36
N ASN B 134 5.88 14.48 -10.50
CA ASN B 134 6.85 14.46 -11.58
C ASN B 134 8.14 15.19 -11.24
N ILE B 135 9.28 14.54 -11.53
CA ILE B 135 10.61 15.13 -11.55
C ILE B 135 11.13 14.88 -12.99
N THR B 136 11.52 15.93 -13.71
CA THR B 136 12.10 15.82 -15.05
C THR B 136 13.46 16.49 -15.02
N GLU B 137 14.48 15.80 -15.55
CA GLU B 137 15.84 16.28 -15.65
C GLU B 137 16.18 16.63 -17.08
N LYS B 138 16.70 17.83 -17.28
CA LYS B 138 17.12 18.26 -18.61
C LYS B 138 18.60 18.45 -18.62
N LEU B 139 19.10 18.41 -19.85
CA LEU B 139 20.48 18.66 -20.21
C LEU B 139 20.59 20.11 -20.69
N ASP B 140 21.84 20.62 -20.77
CA ASP B 140 22.17 21.98 -21.21
C ASP B 140 21.44 22.34 -22.52
N ASP B 141 21.43 21.41 -23.52
CA ASP B 141 20.79 21.60 -24.84
C ASP B 141 19.23 21.62 -24.75
N GLY B 142 18.69 21.35 -23.55
CA GLY B 142 17.24 21.32 -23.30
C GLY B 142 16.64 19.95 -23.51
N LYS B 143 17.49 18.95 -23.78
CA LYS B 143 17.08 17.56 -23.98
C LYS B 143 16.76 16.92 -22.65
N GLU B 144 15.54 16.37 -22.52
CA GLU B 144 15.05 15.62 -21.37
C GLU B 144 15.88 14.33 -21.24
N TYR B 145 16.63 14.19 -20.16
CA TYR B 145 17.49 13.02 -19.96
C TYR B 145 16.79 11.93 -19.11
N SER B 146 16.05 12.34 -18.07
CA SER B 146 15.38 11.38 -17.20
C SER B 146 14.17 12.00 -16.55
N PHE B 147 13.28 11.13 -16.05
CA PHE B 147 12.10 11.53 -15.32
C PHE B 147 11.64 10.40 -14.42
N ILE B 148 10.88 10.75 -13.38
CA ILE B 148 10.16 9.85 -12.50
C ILE B 148 8.76 10.48 -12.36
N THR B 149 7.71 9.71 -12.62
CA THR B 149 6.35 10.18 -12.39
C THR B 149 5.73 9.29 -11.31
N ILE B 150 4.90 9.87 -10.44
CA ILE B 150 4.20 9.16 -9.36
C ILE B 150 2.73 9.49 -9.50
N ASP B 151 1.90 8.45 -9.55
CA ASP B 151 0.46 8.53 -9.70
C ASP B 151 -0.17 8.11 -8.36
N TYR B 152 -1.09 8.92 -7.83
CA TYR B 152 -1.74 8.63 -6.54
C TYR B 152 -3.22 8.17 -6.72
N SER B 153 -3.60 7.70 -7.92
CA SER B 153 -4.98 7.31 -8.26
C SER B 153 -5.45 6.08 -7.51
N ASN B 154 -4.62 5.02 -7.43
CA ASN B 154 -4.99 3.85 -6.65
C ASN B 154 -5.10 4.27 -5.19
N PHE B 155 -6.19 3.86 -4.53
CA PHE B 155 -6.48 4.25 -3.16
C PHE B 155 -5.34 3.92 -2.18
N ARG B 156 -4.68 2.74 -2.36
CA ARG B 156 -3.64 2.32 -1.42
C ARG B 156 -2.34 1.92 -2.15
N ALA B 157 -2.03 2.55 -3.28
CA ALA B 157 -0.80 2.24 -4.02
C ALA B 157 -0.37 3.44 -4.83
N LEU B 158 0.94 3.49 -5.10
CA LEU B 158 1.57 4.49 -5.95
C LEU B 158 2.11 3.83 -7.22
N ARG B 159 1.74 4.37 -8.36
CA ARG B 159 2.23 3.82 -9.62
C ARG B 159 3.38 4.72 -10.06
N ILE B 160 4.57 4.13 -10.22
CA ILE B 160 5.81 4.84 -10.51
C ILE B 160 6.32 4.48 -11.90
N GLN B 161 6.63 5.51 -12.70
CA GLN B 161 7.23 5.36 -14.04
C GLN B 161 8.58 6.06 -14.01
N GLN B 162 9.63 5.38 -14.42
CA GLN B 162 10.99 5.91 -14.43
C GLN B 162 11.59 5.78 -15.81
N LYS B 163 12.30 6.81 -16.25
CA LYS B 163 13.03 6.77 -17.51
C LYS B 163 14.39 7.40 -17.26
N VAL B 164 15.48 6.66 -17.51
CA VAL B 164 16.85 7.17 -17.40
C VAL B 164 17.50 6.89 -18.74
N ASP B 165 17.61 7.92 -19.61
CA ASP B 165 18.14 7.79 -20.97
C ASP B 165 17.24 6.81 -21.77
N THR B 166 17.74 5.60 -22.13
CA THR B 166 16.99 4.58 -22.88
C THR B 166 16.34 3.54 -21.94
N PHE B 167 16.76 3.52 -20.66
CA PHE B 167 16.18 2.62 -19.65
C PHE B 167 14.77 3.12 -19.20
N GLU B 168 13.77 2.25 -19.22
CA GLU B 168 12.40 2.54 -18.79
C GLU B 168 11.90 1.45 -17.86
N HIS B 169 11.34 1.84 -16.73
CA HIS B 169 10.82 0.89 -15.79
C HIS B 169 9.68 1.42 -14.97
N ASN B 170 8.68 0.58 -14.81
CA ASN B 170 7.47 0.85 -14.06
C ASN B 170 7.41 -0.01 -12.85
N SER B 171 6.92 0.54 -11.74
CA SER B 171 6.78 -0.21 -10.49
C SER B 171 5.59 0.31 -9.68
N THR B 172 5.16 -0.45 -8.69
CA THR B 172 4.03 -0.09 -7.83
C THR B 172 4.50 -0.14 -6.38
N ALA B 173 4.21 0.91 -5.61
CA ALA B 173 4.55 0.98 -4.18
C ALA B 173 3.24 0.84 -3.42
N THR B 174 3.09 -0.23 -2.63
CA THR B 174 1.80 -0.47 -1.99
C THR B 174 1.81 -0.38 -0.46
N THR B 175 0.62 -0.04 0.07
CA THR B 175 0.22 0.02 1.48
C THR B 175 -0.85 -1.07 1.67
N PRO B 176 -0.80 -1.93 2.72
CA PRO B 176 -1.81 -3.01 2.83
C PRO B 176 -3.15 -2.49 3.36
N SER B 177 -4.25 -2.72 2.63
CA SER B 177 -5.58 -2.30 3.09
C SER B 177 -5.96 -3.10 4.37
N GLY B 178 -6.30 -2.37 5.44
CA GLY B 178 -6.62 -2.95 6.74
C GLY B 178 -5.45 -3.05 7.69
N ASN B 179 -4.24 -2.80 7.21
CA ASN B 179 -3.02 -2.88 8.03
C ASN B 179 -2.15 -1.66 7.86
N GLU B 180 -2.71 -0.56 7.33
CA GLU B 180 -2.02 0.73 7.14
C GLU B 180 -1.37 1.23 8.41
N ILE B 181 -0.20 1.88 8.24
CA ILE B 181 0.49 2.55 9.33
C ILE B 181 0.54 4.01 8.91
N ALA B 182 0.00 4.89 9.74
CA ALA B 182 0.05 6.33 9.47
C ALA B 182 1.51 6.79 9.47
N ASN B 183 1.87 7.61 8.49
CA ASN B 183 3.21 8.15 8.42
C ASN B 183 3.32 9.42 9.31
N ILE B 184 3.16 9.27 10.61
CA ILE B 184 3.32 10.37 11.56
C ILE B 184 4.82 10.64 11.76
N SER B 185 5.67 9.69 11.35
CA SER B 185 7.13 9.82 11.32
C SER B 185 7.57 10.87 10.28
N GLU B 186 6.72 11.13 9.28
CA GLU B 186 6.93 12.11 8.19
C GLU B 186 8.19 11.75 7.39
N ILE B 187 8.44 10.48 7.21
CA ILE B 187 9.64 10.05 6.53
C ILE B 187 9.34 9.59 5.09
N PRO B 188 10.29 9.80 4.17
CA PRO B 188 10.16 9.15 2.86
C PRO B 188 10.48 7.65 2.97
N SER B 189 10.06 6.90 1.97
CA SER B 189 10.41 5.51 1.73
C SER B 189 11.90 5.38 1.52
N LEU B 190 12.46 4.21 1.83
CA LEU B 190 13.90 4.04 1.62
C LEU B 190 14.28 4.05 0.14
N PHE B 191 13.42 3.46 -0.72
CA PHE B 191 13.72 3.32 -2.13
C PHE B 191 13.73 4.66 -2.90
N ILE B 192 12.96 5.67 -2.46
CA ILE B 192 12.76 6.90 -3.20
C ILE B 192 14.08 7.67 -3.41
N THR B 193 14.96 7.73 -2.41
CA THR B 193 16.23 8.46 -2.51
C THR B 193 17.32 7.67 -3.22
N ASP B 194 17.02 6.45 -3.68
CA ASP B 194 17.97 5.60 -4.40
C ASP B 194 17.65 5.58 -5.90
N TYR B 196 17.19 7.21 -9.46
CA TYR B 196 17.72 8.33 -10.23
C TYR B 196 16.57 8.94 -11.10
N PRO B 197 16.37 10.28 -11.15
CA PRO B 197 17.19 11.38 -10.57
C PRO B 197 16.81 11.86 -9.15
N LEU B 198 15.82 11.23 -8.49
CA LEU B 198 15.50 11.66 -7.12
C LEU B 198 16.69 11.43 -6.18
N SER B 199 17.59 10.48 -6.51
CA SER B 199 18.80 10.17 -5.75
C SER B 199 19.77 11.39 -5.69
N HIS B 201 18.66 14.41 -5.04
CA HIS B 201 17.95 15.38 -4.23
C HIS B 201 17.52 14.86 -2.88
N ALA B 202 18.27 13.95 -2.28
CA ALA B 202 17.92 13.30 -1.00
C ALA B 202 17.77 14.29 0.15
N VAL B 203 18.64 15.30 0.21
CA VAL B 203 18.57 16.32 1.27
C VAL B 203 17.25 17.15 1.09
N ALA B 204 16.95 17.61 -0.13
CA ALA B 204 15.69 18.34 -0.43
C ALA B 204 14.48 17.45 -0.10
N ILE B 205 14.57 16.15 -0.39
CA ILE B 205 13.46 15.20 -0.14
C ILE B 205 13.17 15.10 1.38
N TYR B 206 14.19 14.95 2.22
CA TYR B 206 13.99 14.87 3.68
C TYR B 206 13.54 16.20 4.30
N GLY B 207 13.79 17.29 3.60
CA GLY B 207 13.36 18.63 4.01
C GLY B 207 11.98 18.99 3.53
N LYS B 208 11.31 18.06 2.80
CA LYS B 208 9.95 18.21 2.22
C LYS B 208 9.89 19.27 1.11
N ILE B 209 11.06 19.72 0.61
CA ILE B 209 11.21 20.71 -0.47
C ILE B 209 10.66 20.13 -1.79
N LEU B 210 10.68 18.79 -1.92
CA LEU B 210 10.16 18.09 -3.10
C LEU B 210 8.85 17.37 -2.80
N GLY B 211 8.14 17.86 -1.79
CA GLY B 211 6.82 17.37 -1.47
C GLY B 211 6.72 16.55 -0.23
N GLU B 212 5.48 16.31 0.18
CA GLU B 212 5.14 15.53 1.36
C GLU B 212 5.32 14.06 1.10
N PRO B 213 5.73 13.27 2.11
CA PRO B 213 5.74 11.80 1.91
C PRO B 213 4.29 11.25 1.93
N ALA B 214 4.03 10.05 1.38
CA ALA B 214 2.67 9.49 1.42
C ALA B 214 2.19 9.35 2.89
N ASN B 215 0.88 9.43 3.07
CA ASN B 215 0.26 9.47 4.38
C ASN B 215 0.34 8.15 5.11
N TYR B 216 0.63 7.07 4.38
CA TYR B 216 0.79 5.76 5.00
C TYR B 216 2.11 5.21 4.61
N LEU B 217 2.73 4.41 5.48
CA LEU B 217 4.01 3.76 5.17
C LEU B 217 3.86 2.71 4.03
N ILE B 218 4.84 2.65 3.12
CA ILE B 218 4.88 1.66 2.03
C ILE B 218 5.45 0.32 2.58
N THR B 219 4.75 -0.79 2.32
CA THR B 219 5.28 -2.07 2.79
C THR B 219 5.81 -2.92 1.62
N GLN B 220 5.50 -2.55 0.37
CA GLN B 220 6.01 -3.31 -0.78
C GLN B 220 6.28 -2.46 -1.99
N LEU B 221 7.41 -2.74 -2.64
CA LEU B 221 7.80 -2.12 -3.91
C LEU B 221 7.85 -3.24 -4.92
N ILE B 222 6.93 -3.21 -5.87
CA ILE B 222 6.80 -4.25 -6.88
C ILE B 222 7.15 -3.72 -8.25
N PRO B 223 8.35 -4.05 -8.77
CA PRO B 223 8.69 -3.63 -10.14
C PRO B 223 7.92 -4.51 -11.12
N ASP B 224 7.66 -4.00 -12.34
CA ASP B 224 6.99 -4.76 -13.38
C ASP B 224 7.93 -5.87 -13.89
N SER B 225 7.40 -7.10 -14.10
CA SER B 225 8.15 -8.27 -14.57
C SER B 225 8.02 -8.40 -16.08
N SER B 229 11.73 -13.13 -14.64
CA SER B 229 12.56 -12.42 -13.67
C SER B 229 11.78 -11.34 -12.88
N GLU B 230 11.68 -11.53 -11.53
CA GLU B 230 11.00 -10.64 -10.59
C GLU B 230 11.96 -10.14 -9.48
N GLU B 231 11.75 -8.91 -8.95
CA GLU B 231 12.60 -8.37 -7.89
C GLU B 231 11.81 -7.49 -6.90
N THR B 232 11.02 -8.10 -6.00
CA THR B 232 10.20 -7.39 -5.01
C THR B 232 10.99 -6.94 -3.74
N THR B 233 10.66 -5.74 -3.20
CA THR B 233 11.17 -5.25 -1.90
C THR B 233 10.01 -5.18 -0.90
N THR B 234 10.19 -5.77 0.27
CA THR B 234 9.22 -5.78 1.34
C THR B 234 9.80 -4.99 2.53
N TYR B 235 9.01 -4.10 3.11
CA TYR B 235 9.39 -3.31 4.26
C TYR B 235 8.60 -3.67 5.47
N THR B 236 9.30 -3.91 6.58
CA THR B 236 8.68 -4.22 7.88
C THR B 236 9.15 -3.14 8.83
N TYR B 237 8.21 -2.47 9.47
CA TYR B 237 8.52 -1.40 10.39
C TYR B 237 8.32 -1.77 11.84
N THR B 238 9.13 -1.16 12.71
CA THR B 238 9.00 -1.26 14.17
C THR B 238 8.71 0.15 14.58
N LEU B 239 7.71 0.31 15.46
CA LEU B 239 7.29 1.61 15.93
C LEU B 239 7.50 1.71 17.40
N ASP B 240 7.50 2.94 17.93
CA ASP B 240 7.57 3.12 19.37
C ASP B 240 6.13 3.30 19.86
N ASN B 241 5.96 3.66 21.13
CA ASN B 241 4.62 3.86 21.72
C ASN B 241 3.92 5.10 21.18
N ARG B 242 4.61 5.98 20.41
CA ARG B 242 4.00 7.17 19.79
C ARG B 242 3.49 6.80 18.38
N GLY B 243 3.84 5.62 17.87
CA GLY B 243 3.53 5.20 16.51
C GLY B 243 4.54 5.75 15.50
N ILE B 244 5.74 6.11 15.99
CA ILE B 244 6.84 6.64 15.19
C ILE B 244 7.89 5.53 14.94
N VAL B 245 8.38 5.44 13.69
CA VAL B 245 9.34 4.44 13.24
C VAL B 245 10.65 4.45 14.06
N THR B 246 11.10 3.24 14.49
CA THR B 246 12.38 3.03 15.18
C THR B 246 13.30 2.19 14.30
N SER B 247 12.73 1.41 13.36
CA SER B 247 13.51 0.60 12.45
CA SER B 247 13.48 0.53 12.49
C SER B 247 12.67 0.15 11.27
N CYS B 248 13.37 -0.17 10.18
CA CYS B 248 12.82 -0.67 8.97
C CYS B 248 13.69 -1.83 8.50
N HIS B 249 13.04 -3.00 8.31
CA HIS B 249 13.67 -4.19 7.78
CA HIS B 249 13.67 -4.18 7.75
C HIS B 249 13.22 -4.27 6.30
N ALA B 250 14.18 -4.20 5.36
CA ALA B 250 13.92 -4.25 3.92
C ALA B 250 14.45 -5.54 3.35
N VAL B 251 13.59 -6.32 2.71
CA VAL B 251 13.97 -7.61 2.13
C VAL B 251 13.78 -7.53 0.63
N VAL B 252 14.88 -7.64 -0.13
CA VAL B 252 14.84 -7.66 -1.59
C VAL B 252 14.88 -9.13 -2.02
N ARG B 253 13.87 -9.57 -2.76
CA ARG B 253 13.78 -10.94 -3.25
C ARG B 253 13.95 -10.90 -4.75
N HIS B 254 15.12 -11.33 -5.23
CA HIS B 254 15.42 -11.34 -6.66
C HIS B 254 15.30 -12.75 -7.19
N ILE B 255 14.49 -12.94 -8.24
CA ILE B 255 14.28 -14.25 -8.88
C ILE B 255 14.73 -14.15 -10.36
N ARG B 256 15.53 -15.15 -10.82
CA ARG B 256 16.02 -15.28 -12.20
C ARG B 256 15.90 -16.74 -12.65
N ASN B 257 14.76 -17.08 -13.30
CA ASN B 257 14.40 -18.41 -13.82
C ASN B 257 14.42 -19.47 -12.70
N GLY B 258 13.66 -19.21 -11.63
CA GLY B 258 13.51 -20.11 -10.50
C GLY B 258 14.64 -20.11 -9.48
N TYR B 259 15.62 -19.20 -9.65
CA TYR B 259 16.77 -19.07 -8.73
C TYR B 259 16.58 -17.76 -7.94
N GLU B 260 16.22 -17.89 -6.63
CA GLU B 260 15.94 -16.76 -5.74
C GLU B 260 17.13 -16.44 -4.83
N GLN B 261 17.53 -15.16 -4.84
CA GLN B 261 18.58 -14.59 -3.99
C GLN B 261 17.96 -13.43 -3.17
N ASP B 262 18.01 -13.55 -1.82
CA ASP B 262 17.44 -12.60 -0.89
C ASP B 262 18.49 -11.76 -0.19
N TYR B 263 18.29 -10.44 -0.25
CA TYR B 263 19.16 -9.45 0.35
CA TYR B 263 19.16 -9.43 0.34
C TYR B 263 18.36 -8.64 1.39
N THR B 264 18.90 -8.52 2.63
CA THR B 264 18.23 -7.82 3.73
CA THR B 264 18.24 -7.81 3.72
C THR B 264 19.03 -6.59 4.19
N ARG B 265 18.31 -5.50 4.54
CA ARG B 265 18.80 -4.25 5.09
C ARG B 265 18.03 -3.98 6.36
N THR B 266 18.71 -3.48 7.38
CA THR B 266 18.10 -3.03 8.62
C THR B 266 18.56 -1.60 8.82
N VAL B 267 17.60 -0.67 8.80
CA VAL B 267 17.86 0.74 9.04
C VAL B 267 17.19 1.11 10.35
N ASN B 268 17.99 1.57 11.34
CA ASN B 268 17.46 2.06 12.61
C ASN B 268 17.24 3.54 12.51
N TYR B 269 16.11 3.98 13.06
CA TYR B 269 15.70 5.38 13.00
C TYR B 269 15.67 6.00 14.39
N THR B 270 16.10 7.25 14.47
CA THR B 270 15.98 8.09 15.66
C THR B 270 15.27 9.34 15.17
N ILE B 271 13.97 9.43 15.46
CA ILE B 271 13.11 10.54 15.03
C ILE B 271 12.66 11.25 16.29
N GLU B 272 13.17 12.45 16.55
CA GLU B 272 12.81 13.13 17.82
C GLU B 272 12.69 14.65 17.67
#